data_8UF6
#
_entry.id   8UF6
#
_cell.length_a   66.953
_cell.length_b   118.597
_cell.length_c   130.873
_cell.angle_alpha   90.00
_cell.angle_beta   90.00
_cell.angle_gamma   90.00
#
_symmetry.space_group_name_H-M   'P 21 21 21'
#
loop_
_entity.id
_entity.type
_entity.pdbx_description
1 polymer 'Potassium channel subfamily K member 2'
2 non-polymer N-[(2,4-dichlorophenyl)methyl]-4-propanamidobenzamide
3 non-polymer DECANE
4 non-polymer 'POTASSIUM ION'
5 non-polymer N-((E,2S,3R)-1,3-DIHYDROXYOCTADEC-4-EN-2-YL)PALMITAMIDE
6 non-polymer 'PENTAETHYLENE GLYCOL'
7 non-polymer 'CADMIUM ION'
8 non-polymer DODECANE
9 non-polymer N-OCTANE
10 non-polymer HEXADECANE
#
_entity_poly.entity_id   1
_entity_poly.type   'polypeptide(L)'
_entity_poly.pdbx_seq_one_letter_code
;SDSAINVMKWKTVSTIFLVVVLYLIIGATVFKALEQPQEISQRTTIVIQREKFLRAHPCVSDQELDELIQQIVAAINAGI
IPLGASSNQVSHWDLGSSFFFAGTVITTIGFGNISPRTEGGKIFCIIYALLGIPLFGFLLAGVGDQLGTIFGKGIAKVED
TFIKWNVSQTKIRIISTIIFILFGCVLFVALPAVIFKHIEGWSALDAIYFVVITLTTIGFGDYVAGGSDIEYLDFYKPVV
WFWILVGLAYFAAVLSMIGDWLRVIAKKTKEAVGEFRAHAAEWTANV
;
_entity_poly.pdbx_strand_id   A,B
#
# COMPACT_ATOMS: atom_id res chain seq x y z
N LYS A 9 19.38 -25.15 -7.88
CA LYS A 9 20.46 -25.39 -6.93
C LYS A 9 21.05 -24.07 -6.42
N TRP A 10 21.44 -23.21 -7.36
CA TRP A 10 22.04 -21.92 -7.06
C TRP A 10 20.97 -20.85 -6.77
N LYS A 11 21.44 -19.66 -6.38
CA LYS A 11 20.58 -18.52 -6.08
C LYS A 11 19.89 -17.80 -7.23
N THR A 12 20.67 -17.03 -8.01
CA THR A 12 20.16 -16.01 -8.95
C THR A 12 19.53 -14.87 -8.17
N VAL A 13 19.11 -15.15 -6.93
CA VAL A 13 18.44 -14.17 -6.07
C VAL A 13 19.40 -13.05 -5.66
N SER A 14 20.69 -13.36 -5.53
CA SER A 14 21.63 -12.33 -5.12
C SER A 14 21.79 -11.23 -6.17
N THR A 15 21.82 -11.60 -7.45
CA THR A 15 21.99 -10.57 -8.47
C THR A 15 20.76 -9.68 -8.58
N ILE A 16 19.55 -10.24 -8.45
CA ILE A 16 18.37 -9.39 -8.48
C ILE A 16 18.29 -8.56 -7.20
N PHE A 17 18.76 -9.09 -6.06
CA PHE A 17 18.84 -8.28 -4.86
C PHE A 17 19.74 -7.08 -5.07
N LEU A 18 20.91 -7.29 -5.66
CA LEU A 18 21.83 -6.20 -5.93
C LEU A 18 21.22 -5.22 -6.94
N VAL A 19 20.52 -5.75 -7.94
CA VAL A 19 19.82 -4.90 -8.90
C VAL A 19 18.78 -4.04 -8.21
N VAL A 20 18.06 -4.62 -7.24
CA VAL A 20 17.04 -3.86 -6.51
C VAL A 20 17.70 -2.77 -5.66
N VAL A 21 18.80 -3.11 -4.99
CA VAL A 21 19.54 -2.09 -4.24
C VAL A 21 19.99 -0.96 -5.17
N LEU A 22 20.50 -1.31 -6.34
CA LEU A 22 20.96 -0.30 -7.30
C LEU A 22 19.79 0.56 -7.78
N TYR A 23 18.66 -0.08 -8.07
CA TYR A 23 17.45 0.62 -8.49
C TYR A 23 17.01 1.60 -7.41
N LEU A 24 17.07 1.16 -6.15
CA LEU A 24 16.68 2.01 -5.04
C LEU A 24 17.63 3.19 -4.88
N ILE A 25 18.93 2.96 -5.08
CA ILE A 25 19.90 4.06 -4.95
C ILE A 25 19.68 5.09 -6.06
N ILE A 26 19.51 4.62 -7.30
CA ILE A 26 19.24 5.54 -8.40
C ILE A 26 17.95 6.32 -8.13
N GLY A 27 16.89 5.61 -7.73
CA GLY A 27 15.64 6.27 -7.42
C GLY A 27 15.79 7.29 -6.31
N ALA A 28 16.53 6.95 -5.25
CA ALA A 28 16.72 7.88 -4.15
C ALA A 28 17.45 9.13 -4.61
N THR A 29 18.49 8.98 -5.42
CA THR A 29 19.20 10.14 -5.94
C THR A 29 18.27 11.02 -6.76
N VAL A 30 17.50 10.40 -7.67
CA VAL A 30 16.61 11.19 -8.53
C VAL A 30 15.53 11.88 -7.71
N PHE A 31 14.99 11.19 -6.71
CA PHE A 31 13.93 11.78 -5.89
C PHE A 31 14.48 12.93 -5.06
N LYS A 32 15.68 12.78 -4.50
CA LYS A 32 16.30 13.88 -3.79
C LYS A 32 16.49 15.08 -4.72
N ALA A 33 17.02 14.83 -5.92
CA ALA A 33 17.26 15.89 -6.87
C ALA A 33 15.98 16.64 -7.21
N LEU A 34 14.87 15.92 -7.36
CA LEU A 34 13.63 16.56 -7.76
C LEU A 34 12.85 17.15 -6.60
N GLU A 35 13.11 16.74 -5.35
CA GLU A 35 12.23 17.12 -4.26
C GLU A 35 12.86 17.97 -3.16
N GLN A 36 14.19 17.97 -3.00
CA GLN A 36 14.78 18.77 -1.93
C GLN A 36 14.66 20.28 -2.17
N PRO A 37 14.81 20.78 -3.41
CA PRO A 37 14.67 22.23 -3.61
C PRO A 37 13.32 22.79 -3.20
N GLN A 38 12.22 22.21 -3.67
CA GLN A 38 10.91 22.73 -3.28
C GLN A 38 10.70 22.62 -1.77
N GLU A 39 11.29 21.61 -1.15
CA GLU A 39 11.17 21.45 0.30
C GLU A 39 11.84 22.61 1.03
N ILE A 40 13.09 22.93 0.68
CA ILE A 40 13.74 24.03 1.39
C ILE A 40 13.07 25.36 1.03
N SER A 41 12.51 25.47 -0.17
CA SER A 41 11.77 26.67 -0.54
C SER A 41 10.57 26.87 0.37
N GLN A 42 9.77 25.83 0.56
CA GLN A 42 8.60 25.94 1.43
C GLN A 42 9.01 26.14 2.88
N ARG A 43 10.16 25.57 3.29
CA ARG A 43 10.60 25.70 4.67
C ARG A 43 10.97 27.14 4.98
N THR A 44 11.72 27.78 4.08
CA THR A 44 12.09 29.17 4.33
C THR A 44 10.91 30.12 4.13
N THR A 45 10.00 29.80 3.21
CA THR A 45 8.84 30.68 3.06
C THR A 45 7.74 30.39 4.07
N ILE A 46 7.94 29.42 4.97
CA ILE A 46 7.08 29.33 6.14
C ILE A 46 7.77 29.84 7.41
N VAL A 47 9.11 29.84 7.46
CA VAL A 47 9.74 30.56 8.56
C VAL A 47 9.58 32.06 8.35
N ILE A 48 9.39 32.50 7.11
CA ILE A 48 8.93 33.86 6.87
C ILE A 48 7.55 34.07 7.49
N GLN A 49 6.65 33.09 7.33
CA GLN A 49 5.28 33.24 7.79
C GLN A 49 5.14 33.22 9.30
N ARG A 50 5.99 32.44 9.99
CA ARG A 50 5.83 32.34 11.45
C ARG A 50 5.98 33.69 12.11
N GLU A 51 6.99 34.47 11.70
CA GLU A 51 7.20 35.78 12.27
C GLU A 51 6.53 36.92 11.50
N LYS A 52 6.01 36.69 10.30
CA LYS A 52 5.16 37.72 9.73
C LYS A 52 3.72 37.67 10.21
N PHE A 53 3.23 36.51 10.66
CA PHE A 53 1.95 36.50 11.34
C PHE A 53 2.06 37.04 12.76
N LEU A 54 3.22 36.85 13.40
CA LEU A 54 3.36 37.23 14.81
C LEU A 54 3.52 38.74 14.98
N ARG A 55 4.27 39.38 14.10
CA ARG A 55 4.44 40.82 14.13
C ARG A 55 3.22 41.56 13.58
N ALA A 56 2.42 40.90 12.74
CA ALA A 56 1.15 41.47 12.28
C ALA A 56 0.05 41.37 13.34
N HIS A 57 0.30 40.61 14.40
CA HIS A 57 -0.64 40.45 15.52
C HIS A 57 0.18 40.49 16.79
N PRO A 58 0.54 41.69 17.25
CA PRO A 58 1.41 41.78 18.44
C PRO A 58 0.82 41.17 19.71
N CYS A 59 -0.50 41.06 19.82
CA CYS A 59 -1.06 40.48 21.04
C CYS A 59 -0.62 39.04 21.27
N VAL A 60 -0.41 38.27 20.20
CA VAL A 60 0.22 36.96 20.40
C VAL A 60 1.68 37.16 20.77
N SER A 61 2.11 36.46 21.82
CA SER A 61 3.52 36.50 22.22
C SER A 61 4.35 35.75 21.18
N ASP A 62 5.61 35.52 21.50
CA ASP A 62 6.40 34.50 20.82
C ASP A 62 6.26 33.12 21.44
N GLN A 63 5.79 33.04 22.69
CA GLN A 63 5.60 31.74 23.32
C GLN A 63 4.14 31.28 23.37
N GLU A 64 3.16 32.17 23.29
CA GLU A 64 1.78 31.68 23.24
C GLU A 64 1.40 31.19 21.85
N LEU A 65 2.03 31.75 20.81
CA LEU A 65 1.84 31.21 19.48
C LEU A 65 2.38 29.80 19.40
N ASP A 66 3.42 29.49 20.18
CA ASP A 66 3.98 28.15 20.17
C ASP A 66 3.11 27.18 20.95
N GLU A 67 2.36 27.68 21.93
CA GLU A 67 1.33 26.86 22.56
C GLU A 67 0.25 26.51 21.55
N LEU A 68 -0.11 27.48 20.71
CA LEU A 68 -1.10 27.25 19.66
C LEU A 68 -0.58 26.23 18.65
N ILE A 69 0.66 26.40 18.19
CA ILE A 69 1.21 25.48 17.21
C ILE A 69 1.37 24.08 17.79
N GLN A 70 1.75 23.98 19.06
CA GLN A 70 1.84 22.68 19.71
C GLN A 70 0.51 21.96 19.71
N GLN A 71 -0.57 22.65 20.10
CA GLN A 71 -1.83 21.92 20.12
C GLN A 71 -2.36 21.65 18.71
N ILE A 72 -2.03 22.50 17.74
CA ILE A 72 -2.49 22.24 16.37
C ILE A 72 -1.77 21.02 15.79
N VAL A 73 -0.46 20.89 16.05
CA VAL A 73 0.23 19.69 15.59
C VAL A 73 -0.16 18.48 16.44
N ALA A 74 -0.63 18.69 17.66
CA ALA A 74 -1.24 17.58 18.39
C ALA A 74 -2.51 17.13 17.69
N ALA A 75 -3.22 18.06 17.06
CA ALA A 75 -4.40 17.73 16.28
C ALA A 75 -4.02 17.13 14.93
N ILE A 76 -2.86 16.45 14.85
CA ILE A 76 -2.45 15.82 13.61
C ILE A 76 -3.19 14.52 13.37
N ASN A 77 -3.67 13.88 14.44
CA ASN A 77 -4.36 12.60 14.39
C ASN A 77 -5.86 12.71 14.13
N ALA A 78 -6.48 13.87 14.36
CA ALA A 78 -7.90 14.05 14.10
C ALA A 78 -8.20 15.02 12.97
N GLY A 79 -7.70 16.25 13.04
CA GLY A 79 -8.05 17.26 12.07
C GLY A 79 -7.37 18.59 12.32
N SER A 91 -17.44 13.91 9.86
CA SER A 91 -16.72 13.06 10.82
C SER A 91 -15.84 12.05 10.11
N HIS A 92 -14.77 11.62 10.79
CA HIS A 92 -13.92 10.57 10.25
C HIS A 92 -14.62 9.23 10.16
N TRP A 93 -15.67 9.00 10.96
CA TRP A 93 -16.16 7.65 11.18
C TRP A 93 -17.67 7.54 11.00
N ASP A 94 -18.24 8.28 10.04
CA ASP A 94 -19.57 7.92 9.56
C ASP A 94 -19.48 6.59 8.82
N LEU A 95 -20.66 5.97 8.63
CA LEU A 95 -20.68 4.68 7.94
C LEU A 95 -20.03 4.76 6.57
N GLY A 96 -20.16 5.91 5.89
CA GLY A 96 -19.49 6.08 4.61
C GLY A 96 -17.97 6.04 4.75
N SER A 97 -17.43 6.87 5.64
CA SER A 97 -15.99 6.94 5.81
C SER A 97 -15.41 5.65 6.39
N SER A 98 -16.14 4.98 7.27
CA SER A 98 -15.64 3.71 7.80
C SER A 98 -15.74 2.60 6.76
N PHE A 99 -16.74 2.67 5.88
CA PHE A 99 -16.82 1.75 4.74
C PHE A 99 -15.63 1.95 3.81
N PHE A 100 -15.32 3.21 3.51
CA PHE A 100 -14.12 3.55 2.77
C PHE A 100 -12.87 3.00 3.44
N PHE A 101 -12.76 3.19 4.76
CA PHE A 101 -11.60 2.69 5.49
C PHE A 101 -11.47 1.18 5.36
N ALA A 102 -12.56 0.45 5.61
CA ALA A 102 -12.54 -1.00 5.45
C ALA A 102 -12.08 -1.38 4.05
N GLY A 103 -12.51 -0.62 3.04
CA GLY A 103 -12.03 -0.86 1.69
C GLY A 103 -10.54 -0.66 1.57
N THR A 104 -10.03 0.45 2.14
CA THR A 104 -8.59 0.70 2.09
C THR A 104 -7.79 -0.36 2.82
N VAL A 105 -8.42 -1.05 3.78
CA VAL A 105 -7.75 -2.13 4.49
C VAL A 105 -7.69 -3.40 3.64
N ILE A 106 -8.85 -3.86 3.17
CA ILE A 106 -8.86 -5.17 2.49
C ILE A 106 -8.21 -5.09 1.11
N THR A 107 -8.23 -3.91 0.47
CA THR A 107 -7.50 -3.74 -0.78
C THR A 107 -6.01 -3.56 -0.57
N THR A 108 -5.58 -3.35 0.67
CA THR A 108 -4.20 -3.02 1.04
C THR A 108 -3.72 -1.71 0.44
N ILE A 109 -4.64 -0.90 -0.11
CA ILE A 109 -4.27 0.45 -0.53
C ILE A 109 -3.78 1.26 0.67
N GLY A 110 -4.58 1.29 1.73
CA GLY A 110 -4.20 1.93 2.98
C GLY A 110 -3.81 3.38 2.84
N PHE A 111 -4.76 4.23 2.43
CA PHE A 111 -4.45 5.66 2.26
C PHE A 111 -3.94 6.28 3.54
N GLY A 112 -4.53 5.91 4.68
CA GLY A 112 -4.08 6.37 5.97
C GLY A 112 -4.73 7.64 6.46
N ASN A 113 -5.42 8.39 5.58
CA ASN A 113 -6.15 9.58 6.00
C ASN A 113 -7.13 9.24 7.12
N ILE A 114 -7.69 8.04 7.09
CA ILE A 114 -8.47 7.49 8.19
C ILE A 114 -7.71 6.30 8.75
N SER A 115 -7.60 6.22 10.07
CA SER A 115 -6.89 5.11 10.71
C SER A 115 -7.39 4.98 12.14
N PRO A 116 -7.40 3.77 12.70
CA PRO A 116 -7.94 3.59 14.05
C PRO A 116 -7.00 4.15 15.10
N ARG A 117 -7.58 4.89 16.05
CA ARG A 117 -6.80 5.46 17.15
C ARG A 117 -6.91 4.67 18.45
N THR A 118 -8.09 4.14 18.77
CA THR A 118 -8.22 3.35 19.99
C THR A 118 -7.59 1.97 19.78
N GLU A 119 -7.14 1.37 20.89
CA GLU A 119 -6.51 0.06 20.81
C GLU A 119 -7.45 -0.99 20.22
N GLY A 120 -8.71 -1.00 20.66
CA GLY A 120 -9.65 -1.96 20.12
C GLY A 120 -9.83 -1.83 18.61
N GLY A 121 -9.79 -0.60 18.12
CA GLY A 121 -9.85 -0.39 16.68
C GLY A 121 -8.66 -1.01 15.97
N LYS A 122 -7.48 -0.94 16.59
CA LYS A 122 -6.28 -1.51 15.98
C LYS A 122 -6.31 -3.03 16.02
N ILE A 123 -6.77 -3.61 17.13
CA ILE A 123 -6.88 -5.07 17.22
C ILE A 123 -7.88 -5.59 16.18
N PHE A 124 -9.03 -4.92 16.08
CA PHE A 124 -10.00 -5.32 15.07
C PHE A 124 -9.44 -5.10 13.67
N CYS A 125 -8.65 -4.04 13.48
CA CYS A 125 -8.02 -3.81 12.18
C CYS A 125 -7.08 -4.95 11.83
N ILE A 126 -6.32 -5.45 12.80
CA ILE A 126 -5.42 -6.56 12.54
C ILE A 126 -6.21 -7.78 12.10
N ILE A 127 -7.23 -8.16 12.87
CA ILE A 127 -8.05 -9.31 12.52
C ILE A 127 -8.71 -9.09 11.15
N TYR A 128 -9.22 -7.88 10.93
CA TYR A 128 -9.95 -7.56 9.71
C TYR A 128 -9.05 -7.65 8.50
N ALA A 129 -7.81 -7.18 8.61
CA ALA A 129 -6.88 -7.29 7.50
C ALA A 129 -6.56 -8.75 7.23
N LEU A 130 -6.20 -9.49 8.29
CA LEU A 130 -5.78 -10.88 8.11
C LEU A 130 -6.87 -11.74 7.52
N LEU A 131 -8.14 -11.37 7.72
CA LEU A 131 -9.20 -12.14 7.09
C LEU A 131 -9.63 -11.57 5.73
N GLY A 132 -9.71 -10.24 5.60
CA GLY A 132 -10.26 -9.65 4.39
C GLY A 132 -9.33 -9.65 3.20
N ILE A 133 -8.02 -9.52 3.44
CA ILE A 133 -7.08 -9.51 2.32
C ILE A 133 -7.18 -10.77 1.49
N PRO A 134 -7.20 -11.98 2.05
CA PRO A 134 -7.43 -13.17 1.20
C PRO A 134 -8.80 -13.18 0.54
N LEU A 135 -9.85 -12.84 1.28
CA LEU A 135 -11.19 -12.83 0.70
C LEU A 135 -11.28 -11.85 -0.47
N PHE A 136 -10.79 -10.63 -0.27
CA PHE A 136 -10.76 -9.68 -1.38
C PHE A 136 -9.86 -10.17 -2.50
N GLY A 137 -8.82 -10.93 -2.17
CA GLY A 137 -8.01 -11.54 -3.21
C GLY A 137 -8.83 -12.45 -4.10
N PHE A 138 -9.68 -13.28 -3.49
CA PHE A 138 -10.58 -14.13 -4.27
C PHE A 138 -11.48 -13.28 -5.17
N LEU A 139 -12.11 -12.26 -4.58
CA LEU A 139 -12.97 -11.38 -5.38
C LEU A 139 -12.22 -10.78 -6.56
N LEU A 140 -11.03 -10.24 -6.31
CA LEU A 140 -10.26 -9.57 -7.35
C LEU A 140 -9.83 -10.56 -8.42
N ALA A 141 -9.48 -11.78 -8.02
CA ALA A 141 -9.11 -12.80 -8.99
C ALA A 141 -10.28 -13.13 -9.91
N GLY A 142 -11.48 -13.24 -9.34
CA GLY A 142 -12.66 -13.52 -10.16
C GLY A 142 -12.98 -12.39 -11.12
N VAL A 143 -12.91 -11.14 -10.62
CA VAL A 143 -13.14 -9.98 -11.48
C VAL A 143 -12.14 -9.96 -12.63
N GLY A 144 -10.87 -10.23 -12.32
CA GLY A 144 -9.85 -10.25 -13.37
C GLY A 144 -10.10 -11.34 -14.40
N ASP A 145 -10.52 -12.53 -13.95
CA ASP A 145 -10.79 -13.61 -14.89
C ASP A 145 -11.96 -13.27 -15.80
N GLN A 146 -13.03 -12.68 -15.24
CA GLN A 146 -14.18 -12.36 -16.09
C GLN A 146 -13.82 -11.27 -17.10
N LEU A 147 -13.08 -10.25 -16.66
CA LEU A 147 -12.60 -9.25 -17.60
C LEU A 147 -11.71 -9.88 -18.67
N GLY A 148 -10.89 -10.87 -18.29
CA GLY A 148 -10.01 -11.49 -19.25
C GLY A 148 -10.75 -12.30 -20.29
N THR A 149 -11.88 -12.90 -19.92
CA THR A 149 -12.65 -13.62 -20.92
C THR A 149 -13.42 -12.66 -21.84
N ILE A 150 -13.94 -11.58 -21.27
CA ILE A 150 -14.57 -10.55 -22.11
C ILE A 150 -13.57 -10.02 -23.12
N PHE A 151 -12.34 -9.78 -22.67
CA PHE A 151 -11.30 -9.25 -23.55
C PHE A 151 -10.81 -10.30 -24.52
N GLY A 152 -10.89 -11.58 -24.14
CA GLY A 152 -10.55 -12.64 -25.09
C GLY A 152 -11.49 -12.67 -26.27
N LYS A 153 -12.80 -12.56 -26.02
CA LYS A 153 -13.73 -12.47 -27.15
C LYS A 153 -13.50 -11.19 -27.95
N GLY A 154 -13.26 -10.08 -27.24
CA GLY A 154 -13.03 -8.82 -27.92
C GLY A 154 -11.82 -8.86 -28.83
N ILE A 155 -10.75 -9.53 -28.40
CA ILE A 155 -9.60 -9.67 -29.28
C ILE A 155 -9.83 -10.75 -30.32
N ALA A 156 -10.73 -11.70 -30.06
CA ALA A 156 -11.00 -12.73 -31.04
C ALA A 156 -11.59 -12.14 -32.30
N LYS A 157 -12.39 -11.08 -32.17
CA LYS A 157 -13.01 -10.54 -33.39
C LYS A 157 -12.04 -9.67 -34.21
N VAL A 158 -11.30 -8.77 -33.55
CA VAL A 158 -10.32 -7.97 -34.28
C VAL A 158 -9.06 -8.75 -34.64
N GLU A 159 -8.86 -9.92 -34.05
CA GLU A 159 -7.87 -10.89 -34.46
C GLU A 159 -8.40 -11.80 -35.55
N ASP A 160 -9.47 -11.40 -36.16
CA ASP A 160 -10.03 -12.12 -37.27
C ASP A 160 -10.23 -11.18 -38.46
N THR A 161 -10.65 -9.94 -38.20
CA THR A 161 -10.65 -8.93 -39.27
C THR A 161 -9.25 -8.70 -39.82
N PHE A 162 -8.27 -8.48 -38.95
CA PHE A 162 -6.88 -8.20 -39.33
C PHE A 162 -6.02 -9.45 -39.46
N ILE A 163 -6.62 -10.64 -39.62
CA ILE A 163 -5.85 -11.88 -39.49
C ILE A 163 -5.53 -12.55 -40.81
N LYS A 164 -6.33 -12.38 -41.86
CA LYS A 164 -6.04 -13.12 -43.07
C LYS A 164 -5.16 -12.36 -44.04
N TRP A 165 -4.90 -11.08 -43.80
CA TRP A 165 -3.77 -10.43 -44.45
C TRP A 165 -2.50 -11.05 -43.90
N ASN A 166 -1.50 -11.22 -44.78
CA ASN A 166 -0.25 -11.92 -44.50
C ASN A 166 0.48 -11.56 -43.21
N VAL A 167 -0.05 -10.61 -42.42
CA VAL A 167 0.61 -10.11 -41.21
C VAL A 167 1.14 -11.26 -40.35
N SER A 168 2.22 -11.01 -39.61
CA SER A 168 2.90 -12.07 -38.89
C SER A 168 2.06 -12.51 -37.70
N GLN A 169 2.36 -13.71 -37.20
CA GLN A 169 1.59 -14.29 -36.10
C GLN A 169 2.18 -13.95 -34.74
N THR A 170 3.51 -14.02 -34.58
CA THR A 170 4.10 -13.73 -33.27
C THR A 170 4.25 -12.23 -33.03
N LYS A 171 3.74 -11.41 -33.94
CA LYS A 171 3.62 -9.97 -33.73
C LYS A 171 2.17 -9.50 -33.65
N ILE A 172 1.20 -10.32 -34.09
CA ILE A 172 -0.18 -10.01 -33.76
C ILE A 172 -0.39 -10.03 -32.26
N ARG A 173 0.39 -10.84 -31.53
CA ARG A 173 0.25 -10.80 -30.08
C ARG A 173 0.75 -9.48 -29.50
N ILE A 174 1.77 -8.88 -30.11
CA ILE A 174 2.24 -7.60 -29.58
C ILE A 174 1.29 -6.49 -30.00
N ILE A 175 0.65 -6.62 -31.16
CA ILE A 175 -0.38 -5.64 -31.53
C ILE A 175 -1.57 -5.77 -30.59
N SER A 176 -1.87 -6.99 -30.13
CA SER A 176 -2.98 -7.17 -29.20
C SER A 176 -2.63 -6.66 -27.82
N THR A 177 -1.36 -6.78 -27.40
CA THR A 177 -0.97 -6.15 -26.14
C THR A 177 -1.01 -4.63 -26.26
N ILE A 178 -0.68 -4.10 -27.43
CA ILE A 178 -0.81 -2.66 -27.66
C ILE A 178 -2.26 -2.24 -27.46
N ILE A 179 -3.20 -3.04 -27.99
CA ILE A 179 -4.60 -2.68 -27.88
C ILE A 179 -5.09 -2.85 -26.44
N PHE A 180 -4.66 -3.91 -25.76
CA PHE A 180 -4.98 -4.10 -24.35
C PHE A 180 -4.54 -2.90 -23.53
N ILE A 181 -3.26 -2.54 -23.66
CA ILE A 181 -2.72 -1.40 -22.92
C ILE A 181 -3.52 -0.15 -23.22
N LEU A 182 -3.73 0.15 -24.50
CA LEU A 182 -4.38 1.40 -24.88
C LEU A 182 -5.81 1.48 -24.36
N PHE A 183 -6.65 0.49 -24.72
CA PHE A 183 -8.03 0.51 -24.27
C PHE A 183 -8.13 0.50 -22.75
N GLY A 184 -7.34 -0.33 -22.07
CA GLY A 184 -7.39 -0.34 -20.62
C GLY A 184 -6.99 1.00 -20.01
N CYS A 185 -5.94 1.62 -20.54
CA CYS A 185 -5.51 2.89 -19.98
C CYS A 185 -6.44 4.03 -20.33
N VAL A 186 -7.26 3.92 -21.38
CA VAL A 186 -8.26 4.95 -21.60
C VAL A 186 -9.46 4.72 -20.68
N LEU A 187 -9.87 3.46 -20.49
CA LEU A 187 -11.04 3.20 -19.66
C LEU A 187 -10.71 3.27 -18.17
N PHE A 188 -9.51 2.81 -17.78
CA PHE A 188 -9.18 2.65 -16.37
C PHE A 188 -8.27 3.74 -15.84
N VAL A 189 -7.64 4.56 -16.70
CA VAL A 189 -6.77 5.64 -16.26
C VAL A 189 -7.21 6.98 -16.83
N ALA A 190 -7.48 7.04 -18.14
CA ALA A 190 -7.77 8.32 -18.79
C ALA A 190 -9.08 8.95 -18.33
N LEU A 191 -10.22 8.37 -18.72
CA LEU A 191 -11.50 8.98 -18.37
C LEU A 191 -11.74 9.05 -16.87
N PRO A 192 -11.34 8.07 -16.03
CA PRO A 192 -11.43 8.33 -14.60
C PRO A 192 -10.58 9.50 -14.16
N ALA A 193 -9.41 9.72 -14.77
CA ALA A 193 -8.60 10.87 -14.41
C ALA A 193 -9.30 12.17 -14.77
N VAL A 194 -9.92 12.25 -15.95
CA VAL A 194 -10.57 13.50 -16.32
C VAL A 194 -11.77 13.76 -15.42
N ILE A 195 -12.51 12.71 -15.08
CA ILE A 195 -13.61 12.86 -14.13
C ILE A 195 -13.09 13.32 -12.77
N PHE A 196 -11.98 12.71 -12.30
CA PHE A 196 -11.39 13.09 -11.03
C PHE A 196 -10.96 14.55 -11.04
N LYS A 197 -10.41 15.02 -12.15
CA LYS A 197 -9.99 16.42 -12.20
C LYS A 197 -11.20 17.34 -12.19
N HIS A 198 -12.29 16.94 -12.86
CA HIS A 198 -13.49 17.78 -12.89
C HIS A 198 -14.31 17.71 -11.61
N ILE A 199 -14.11 16.70 -10.77
CA ILE A 199 -14.89 16.54 -9.54
C ILE A 199 -14.09 16.95 -8.30
N GLU A 200 -12.84 16.51 -8.21
CA GLU A 200 -11.99 16.84 -7.08
C GLU A 200 -11.32 18.21 -7.23
N GLY A 201 -11.25 18.75 -8.44
CA GLY A 201 -10.44 19.92 -8.69
C GLY A 201 -8.96 19.63 -8.82
N TRP A 202 -8.57 18.36 -8.87
CA TRP A 202 -7.17 18.01 -9.04
C TRP A 202 -6.67 18.41 -10.43
N SER A 203 -5.37 18.61 -10.55
CA SER A 203 -4.78 18.78 -11.86
C SER A 203 -4.87 17.47 -12.64
N ALA A 204 -4.59 17.55 -13.94
CA ALA A 204 -4.53 16.34 -14.74
C ALA A 204 -3.43 15.42 -14.25
N LEU A 205 -2.23 15.99 -14.01
CA LEU A 205 -1.12 15.20 -13.50
C LEU A 205 -1.45 14.63 -12.13
N ASP A 206 -2.11 15.42 -11.28
CA ASP A 206 -2.49 14.92 -9.96
C ASP A 206 -3.50 13.79 -10.06
N ALA A 207 -4.43 13.89 -11.01
CA ALA A 207 -5.42 12.83 -11.20
C ALA A 207 -4.76 11.53 -11.66
N ILE A 208 -3.90 11.61 -12.67
CA ILE A 208 -3.20 10.41 -13.15
C ILE A 208 -2.32 9.83 -12.05
N TYR A 209 -1.66 10.71 -11.30
CA TYR A 209 -0.88 10.32 -10.13
C TYR A 209 -1.73 9.52 -9.14
N PHE A 210 -2.91 10.06 -8.80
CA PHE A 210 -3.83 9.35 -7.92
C PHE A 210 -4.19 7.99 -8.48
N VAL A 211 -4.50 7.93 -9.78
CA VAL A 211 -4.87 6.66 -10.40
C VAL A 211 -3.75 5.63 -10.21
N VAL A 212 -2.53 6.00 -10.58
CA VAL A 212 -1.43 5.04 -10.52
C VAL A 212 -1.14 4.65 -9.07
N ILE A 213 -1.16 5.61 -8.15
CA ILE A 213 -0.79 5.30 -6.77
C ILE A 213 -1.85 4.46 -6.08
N THR A 214 -3.12 4.59 -6.46
CA THR A 214 -4.13 3.77 -5.81
C THR A 214 -4.25 2.40 -6.44
N LEU A 215 -4.22 2.32 -7.77
CA LEU A 215 -4.40 1.03 -8.42
C LEU A 215 -3.16 0.15 -8.33
N THR A 216 -2.00 0.73 -8.03
CA THR A 216 -0.83 -0.06 -7.66
C THR A 216 -0.85 -0.48 -6.19
N THR A 217 -1.86 -0.09 -5.44
CA THR A 217 -2.02 -0.33 -4.01
C THR A 217 -0.94 0.35 -3.17
N ILE A 218 -0.17 1.26 -3.76
CA ILE A 218 0.76 2.06 -2.97
C ILE A 218 0.00 2.89 -1.94
N GLY A 219 -0.90 3.74 -2.42
CA GLY A 219 -1.81 4.48 -1.56
C GLY A 219 -1.16 5.40 -0.54
N PHE A 220 -0.42 6.40 -1.02
CA PHE A 220 0.18 7.38 -0.13
C PHE A 220 -0.87 8.03 0.75
N GLY A 221 -2.00 8.42 0.17
CA GLY A 221 -3.02 9.18 0.87
C GLY A 221 -2.92 10.68 0.70
N ASP A 222 -1.95 11.18 -0.08
CA ASP A 222 -1.89 12.62 -0.35
C ASP A 222 -3.04 13.07 -1.24
N TYR A 223 -3.70 12.15 -1.92
CA TYR A 223 -4.93 12.44 -2.67
C TYR A 223 -5.90 11.29 -2.47
N VAL A 224 -7.14 11.62 -2.12
CA VAL A 224 -8.19 10.63 -1.89
C VAL A 224 -9.45 11.10 -2.61
N ALA A 225 -10.12 10.19 -3.30
CA ALA A 225 -11.18 10.55 -4.22
C ALA A 225 -12.47 11.00 -3.53
N GLY A 226 -12.55 10.90 -2.20
CA GLY A 226 -13.70 11.43 -1.53
C GLY A 226 -13.32 12.22 -0.29
N GLY A 227 -12.05 12.62 -0.23
CA GLY A 227 -11.54 13.22 0.98
C GLY A 227 -12.05 14.64 1.20
N SER A 228 -11.88 15.50 0.20
CA SER A 228 -12.24 16.91 0.35
C SER A 228 -13.74 17.07 0.58
N ASP A 229 -14.09 18.15 1.26
CA ASP A 229 -15.46 18.46 1.70
C ASP A 229 -16.41 18.79 0.55
N ILE A 230 -15.93 18.85 -0.69
CA ILE A 230 -16.53 19.64 -1.76
C ILE A 230 -17.94 19.24 -2.18
N GLU A 231 -18.58 18.32 -1.44
CA GLU A 231 -19.94 17.86 -1.76
C GLU A 231 -19.98 17.08 -3.07
N TYR A 232 -20.29 15.80 -3.00
CA TYR A 232 -20.21 14.91 -4.14
C TYR A 232 -21.61 14.56 -4.64
N LEU A 233 -21.68 14.11 -5.89
CA LEU A 233 -22.94 13.89 -6.58
C LEU A 233 -23.70 12.67 -6.09
N ASP A 234 -23.17 11.94 -5.11
CA ASP A 234 -23.80 10.75 -4.54
C ASP A 234 -23.86 9.61 -5.55
N PHE A 235 -23.82 9.92 -6.85
CA PHE A 235 -23.55 8.92 -7.88
C PHE A 235 -22.08 8.55 -7.95
N TYR A 236 -21.25 9.07 -7.05
CA TYR A 236 -19.81 9.19 -7.29
C TYR A 236 -19.01 8.14 -6.53
N LYS A 237 -19.15 8.10 -5.21
CA LYS A 237 -18.40 7.13 -4.42
C LYS A 237 -18.70 5.69 -4.79
N PRO A 238 -19.95 5.29 -5.08
CA PRO A 238 -20.15 3.92 -5.58
C PRO A 238 -19.45 3.64 -6.90
N VAL A 239 -19.46 4.62 -7.81
CA VAL A 239 -18.83 4.40 -9.12
C VAL A 239 -17.32 4.28 -8.95
N VAL A 240 -16.72 5.06 -8.05
CA VAL A 240 -15.27 4.91 -7.85
C VAL A 240 -14.96 3.64 -7.07
N TRP A 241 -15.87 3.18 -6.21
CA TRP A 241 -15.72 1.83 -5.65
C TRP A 241 -15.61 0.80 -6.76
N PHE A 242 -16.55 0.83 -7.70
CA PHE A 242 -16.52 -0.09 -8.83
C PHE A 242 -15.23 0.07 -9.62
N TRP A 243 -14.80 1.31 -9.83
CA TRP A 243 -13.55 1.58 -10.52
C TRP A 243 -12.36 0.99 -9.76
N ILE A 244 -12.37 1.08 -8.43
CA ILE A 244 -11.30 0.51 -7.63
C ILE A 244 -11.24 -0.98 -7.87
N LEU A 245 -12.40 -1.63 -7.82
CA LEU A 245 -12.45 -3.08 -8.01
C LEU A 245 -11.89 -3.47 -9.37
N VAL A 246 -12.37 -2.84 -10.43
CA VAL A 246 -11.98 -3.25 -11.77
C VAL A 246 -10.55 -2.80 -12.12
N GLY A 247 -10.14 -1.63 -11.63
CA GLY A 247 -8.82 -1.12 -11.92
C GLY A 247 -7.72 -1.84 -11.18
N LEU A 248 -7.98 -2.32 -9.96
CA LEU A 248 -6.97 -3.14 -9.30
C LEU A 248 -6.68 -4.40 -10.11
N ALA A 249 -7.71 -5.03 -10.66
CA ALA A 249 -7.51 -6.18 -11.54
C ALA A 249 -6.71 -5.81 -12.78
N TYR A 250 -7.14 -4.74 -13.46
CA TYR A 250 -6.41 -4.32 -14.67
C TYR A 250 -4.94 -4.04 -14.37
N PHE A 251 -4.66 -3.35 -13.26
CA PHE A 251 -3.28 -3.02 -12.92
C PHE A 251 -2.50 -4.25 -12.48
N ALA A 252 -3.15 -5.22 -11.85
CA ALA A 252 -2.47 -6.50 -11.60
C ALA A 252 -2.00 -7.10 -12.92
N ALA A 253 -2.86 -7.10 -13.93
CA ALA A 253 -2.47 -7.63 -15.24
C ALA A 253 -1.32 -6.82 -15.82
N VAL A 254 -1.42 -5.49 -15.77
CA VAL A 254 -0.39 -4.64 -16.35
C VAL A 254 0.96 -4.86 -15.66
N LEU A 255 0.95 -4.95 -14.33
CA LEU A 255 2.20 -5.15 -13.60
C LEU A 255 2.80 -6.52 -13.91
N SER A 256 1.97 -7.55 -14.01
CA SER A 256 2.51 -8.86 -14.36
C SER A 256 3.10 -8.87 -15.77
N MET A 257 2.45 -8.18 -16.72
CA MET A 257 3.02 -8.16 -18.06
C MET A 257 4.30 -7.33 -18.12
N ILE A 258 4.38 -6.26 -17.33
CA ILE A 258 5.65 -5.54 -17.22
C ILE A 258 6.72 -6.47 -16.65
N GLY A 259 6.35 -7.31 -15.68
CA GLY A 259 7.30 -8.30 -15.18
C GLY A 259 7.78 -9.25 -16.25
N ASP A 260 6.88 -9.69 -17.13
CA ASP A 260 7.29 -10.54 -18.25
C ASP A 260 8.21 -9.78 -19.20
N TRP A 261 7.87 -8.52 -19.49
CA TRP A 261 8.79 -7.66 -20.25
C TRP A 261 10.17 -7.68 -19.61
N LEU A 262 10.21 -7.57 -18.28
CA LEU A 262 11.48 -7.50 -17.58
C LEU A 262 12.27 -8.79 -17.69
N ARG A 263 11.61 -9.94 -17.56
CA ARG A 263 12.34 -11.21 -17.68
C ARG A 263 12.86 -11.39 -19.11
N VAL A 264 12.10 -10.96 -20.11
CA VAL A 264 12.56 -11.07 -21.49
C VAL A 264 13.78 -10.17 -21.72
N ILE A 265 13.68 -8.90 -21.33
CA ILE A 265 14.82 -8.01 -21.50
C ILE A 265 15.99 -8.49 -20.66
N ALA A 266 15.71 -9.14 -19.52
CA ALA A 266 16.78 -9.67 -18.67
C ALA A 266 17.57 -10.73 -19.42
N LYS A 267 16.88 -11.64 -20.10
CA LYS A 267 17.63 -12.67 -20.82
C LYS A 267 18.31 -12.10 -22.05
N LYS A 268 17.71 -11.09 -22.68
CA LYS A 268 18.37 -10.45 -23.82
C LYS A 268 19.64 -9.71 -23.39
N THR A 269 19.62 -9.09 -22.21
CA THR A 269 20.82 -8.44 -21.70
C THR A 269 21.85 -9.47 -21.26
N LYS A 270 21.37 -10.60 -20.73
CA LYS A 270 22.27 -11.68 -20.32
C LYS A 270 23.04 -12.18 -21.54
N GLU A 271 22.33 -12.35 -22.66
CA GLU A 271 22.97 -12.79 -23.90
C GLU A 271 23.80 -11.69 -24.53
N ALA A 272 23.44 -10.43 -24.32
CA ALA A 272 24.26 -9.34 -24.85
C ALA A 272 25.59 -9.25 -24.13
N VAL A 273 25.59 -9.49 -22.81
CA VAL A 273 26.85 -9.48 -22.08
C VAL A 273 27.67 -10.72 -22.45
N GLY A 274 27.00 -11.85 -22.63
CA GLY A 274 27.68 -13.02 -23.19
C GLY A 274 28.37 -12.73 -24.51
N GLU A 275 27.64 -12.11 -25.44
CA GLU A 275 28.20 -11.77 -26.74
C GLU A 275 29.35 -10.79 -26.62
N PHE A 276 29.20 -9.76 -25.79
CA PHE A 276 30.27 -8.78 -25.65
C PHE A 276 31.56 -9.43 -25.14
N ARG A 277 31.45 -10.20 -24.05
CA ARG A 277 32.64 -10.88 -23.56
C ARG A 277 33.16 -11.91 -24.55
N ALA A 278 32.29 -12.51 -25.37
CA ALA A 278 32.78 -13.46 -26.38
C ALA A 278 33.49 -12.76 -27.54
N HIS A 279 33.13 -11.51 -27.80
CA HIS A 279 33.84 -10.69 -28.78
C HIS A 279 35.08 -10.04 -28.21
N ALA A 280 35.23 -10.01 -26.89
CA ALA A 280 36.50 -9.64 -26.30
C ALA A 280 37.42 -10.85 -26.10
N ALA A 281 36.83 -12.05 -26.06
CA ALA A 281 37.54 -13.29 -25.74
C ALA A 281 38.62 -13.63 -26.76
N GLU A 282 38.22 -13.98 -27.97
CA GLU A 282 39.18 -14.34 -29.01
C GLU A 282 39.56 -13.15 -29.89
N TRP A 283 38.98 -11.98 -29.65
CA TRP A 283 39.49 -10.76 -30.27
C TRP A 283 40.92 -10.48 -29.85
N THR A 284 41.29 -10.90 -28.64
CA THR A 284 42.68 -10.83 -28.19
C THR A 284 43.46 -12.09 -28.52
N ALA A 285 42.79 -13.22 -28.69
CA ALA A 285 43.44 -14.37 -29.30
C ALA A 285 43.93 -14.06 -30.71
N ASN A 286 43.38 -13.02 -31.33
CA ASN A 286 43.99 -12.39 -32.49
C ASN A 286 45.35 -11.85 -32.07
N VAL A 287 46.40 -12.64 -32.29
CA VAL A 287 47.74 -12.28 -31.85
C VAL A 287 48.64 -12.01 -33.06
N SER B 1 -18.79 -25.85 -22.35
CA SER B 1 -17.40 -26.04 -22.76
C SER B 1 -16.61 -24.75 -22.59
N ASP B 2 -16.60 -23.94 -23.64
CA ASP B 2 -15.98 -22.63 -23.56
C ASP B 2 -16.86 -21.65 -22.78
N SER B 3 -18.18 -21.87 -22.79
CA SER B 3 -19.12 -20.99 -22.12
C SER B 3 -19.82 -21.63 -20.93
N ALA B 4 -20.06 -22.94 -20.95
CA ALA B 4 -20.78 -23.59 -19.87
C ALA B 4 -20.02 -23.53 -18.54
N ILE B 5 -18.70 -23.33 -18.59
CA ILE B 5 -17.94 -23.17 -17.36
C ILE B 5 -18.03 -21.73 -16.86
N ASN B 6 -18.18 -20.77 -17.78
CA ASN B 6 -18.15 -19.36 -17.39
C ASN B 6 -19.40 -18.95 -16.63
N VAL B 7 -20.53 -19.60 -16.87
CA VAL B 7 -21.72 -19.31 -16.07
C VAL B 7 -21.45 -19.67 -14.61
N MET B 8 -20.88 -20.85 -14.38
CA MET B 8 -20.52 -21.28 -13.03
C MET B 8 -19.52 -20.32 -12.39
N LYS B 9 -18.52 -19.91 -13.16
CA LYS B 9 -17.50 -18.99 -12.66
C LYS B 9 -18.12 -17.64 -12.27
N TRP B 10 -19.01 -17.10 -13.10
CA TRP B 10 -19.60 -15.81 -12.79
C TRP B 10 -20.57 -15.93 -11.62
N LYS B 11 -21.16 -17.11 -11.43
CA LYS B 11 -21.98 -17.32 -10.25
C LYS B 11 -21.13 -17.19 -8.99
N THR B 12 -20.06 -17.98 -8.92
CA THR B 12 -19.28 -17.98 -7.68
C THR B 12 -18.64 -16.62 -7.43
N VAL B 13 -18.24 -15.90 -8.47
CA VAL B 13 -17.65 -14.59 -8.25
C VAL B 13 -18.73 -13.60 -7.79
N SER B 14 -19.97 -13.74 -8.27
CA SER B 14 -21.02 -12.85 -7.81
C SER B 14 -21.31 -13.07 -6.34
N THR B 15 -21.34 -14.33 -5.91
CA THR B 15 -21.56 -14.56 -4.48
C THR B 15 -20.36 -14.11 -3.65
N ILE B 16 -19.14 -14.23 -4.18
CA ILE B 16 -17.99 -13.70 -3.46
C ILE B 16 -18.06 -12.18 -3.38
N PHE B 17 -18.56 -11.54 -4.43
CA PHE B 17 -18.77 -10.09 -4.41
C PHE B 17 -19.74 -9.69 -3.31
N LEU B 18 -20.88 -10.40 -3.22
CA LEU B 18 -21.84 -10.08 -2.17
C LEU B 18 -21.26 -10.33 -0.78
N VAL B 19 -20.49 -11.42 -0.64
CA VAL B 19 -19.83 -11.68 0.64
C VAL B 19 -18.88 -10.55 1.01
N VAL B 20 -18.16 -10.03 0.01
CA VAL B 20 -17.23 -8.93 0.28
C VAL B 20 -17.98 -7.67 0.69
N VAL B 21 -19.09 -7.38 0.01
CA VAL B 21 -19.92 -6.23 0.40
C VAL B 21 -20.39 -6.39 1.85
N LEU B 22 -20.82 -7.60 2.20
CA LEU B 22 -21.28 -7.86 3.57
C LEU B 22 -20.15 -7.69 4.57
N TYR B 23 -18.97 -8.21 4.25
CA TYR B 23 -17.79 -8.06 5.11
C TYR B 23 -17.45 -6.58 5.30
N LEU B 24 -17.54 -5.80 4.24
CA LEU B 24 -17.25 -4.38 4.34
C LEU B 24 -18.28 -3.66 5.20
N ILE B 25 -19.55 -4.05 5.08
CA ILE B 25 -20.59 -3.42 5.89
C ILE B 25 -20.38 -3.74 7.37
N ILE B 26 -20.13 -5.01 7.68
CA ILE B 26 -19.89 -5.41 9.06
C ILE B 26 -18.67 -4.68 9.62
N GLY B 27 -17.57 -4.68 8.88
CA GLY B 27 -16.38 -4.00 9.32
C GLY B 27 -16.62 -2.52 9.56
N ALA B 28 -17.33 -1.87 8.63
CA ALA B 28 -17.61 -0.44 8.78
C ALA B 28 -18.42 -0.18 10.04
N THR B 29 -19.42 -1.03 10.30
CA THR B 29 -20.24 -0.86 11.51
C THR B 29 -19.37 -0.96 12.75
N VAL B 30 -18.53 -2.00 12.81
CA VAL B 30 -17.70 -2.20 14.00
C VAL B 30 -16.70 -1.06 14.15
N PHE B 31 -16.13 -0.58 13.05
CA PHE B 31 -15.14 0.50 13.13
C PHE B 31 -15.79 1.80 13.59
N LYS B 32 -16.97 2.12 13.06
CA LYS B 32 -17.68 3.30 13.53
C LYS B 32 -17.97 3.19 15.02
N ALA B 33 -18.45 2.02 15.45
CA ALA B 33 -18.73 1.81 16.86
C ALA B 33 -17.49 2.00 17.71
N LEU B 34 -16.33 1.53 17.23
CA LEU B 34 -15.12 1.61 18.05
C LEU B 34 -14.42 2.95 17.99
N GLU B 35 -14.64 3.76 16.96
CA GLU B 35 -13.82 4.95 16.77
C GLU B 35 -14.56 6.28 16.81
N GLN B 36 -15.86 6.32 16.55
CA GLN B 36 -16.53 7.61 16.55
C GLN B 36 -16.64 8.27 17.92
N PRO B 37 -16.88 7.51 19.01
CA PRO B 37 -16.97 8.18 20.33
C PRO B 37 -15.73 8.97 20.73
N GLN B 38 -14.55 8.35 20.70
CA GLN B 38 -13.35 9.11 21.05
C GLN B 38 -13.13 10.26 20.08
N GLU B 39 -13.56 10.10 18.83
CA GLU B 39 -13.42 11.18 17.87
C GLU B 39 -14.24 12.40 18.28
N ILE B 40 -15.52 12.20 18.61
CA ILE B 40 -16.34 13.36 18.98
C ILE B 40 -15.87 13.93 20.31
N SER B 41 -15.35 13.08 21.19
CA SER B 41 -14.79 13.58 22.45
C SER B 41 -13.61 14.51 22.18
N GLN B 42 -12.68 14.08 21.32
CA GLN B 42 -11.51 14.91 21.03
C GLN B 42 -11.90 16.16 20.24
N ARG B 43 -12.94 16.09 19.41
CA ARG B 43 -13.34 17.27 18.66
C ARG B 43 -13.96 18.32 19.57
N THR B 44 -14.82 17.91 20.50
CA THR B 44 -15.38 18.90 21.40
C THR B 44 -14.33 19.37 22.39
N THR B 45 -13.37 18.52 22.76
CA THR B 45 -12.28 18.97 23.60
C THR B 45 -11.15 19.65 22.83
N ILE B 46 -11.30 19.84 21.52
CA ILE B 46 -10.39 20.74 20.81
C ILE B 46 -11.09 22.06 20.52
N VAL B 47 -12.41 22.05 20.39
CA VAL B 47 -13.08 23.34 20.36
C VAL B 47 -13.15 23.99 21.74
N ILE B 48 -13.09 23.20 22.83
CA ILE B 48 -12.92 23.84 24.12
C ILE B 48 -11.63 24.66 24.11
N GLN B 49 -10.55 24.06 23.60
CA GLN B 49 -9.27 24.75 23.57
C GLN B 49 -9.29 25.89 22.56
N ARG B 50 -10.02 25.74 21.44
CA ARG B 50 -10.05 26.79 20.44
C ARG B 50 -10.67 28.06 20.99
N GLU B 51 -11.79 27.93 21.72
CA GLU B 51 -12.38 29.14 22.28
C GLU B 51 -11.84 29.48 23.66
N LYS B 52 -10.94 28.66 24.22
CA LYS B 52 -10.11 29.10 25.34
C LYS B 52 -8.97 29.96 24.82
N PHE B 53 -8.53 29.73 23.59
CA PHE B 53 -7.62 30.65 22.94
C PHE B 53 -8.36 31.89 22.45
N LEU B 54 -9.64 31.73 22.09
CA LEU B 54 -10.42 32.88 21.61
C LEU B 54 -10.86 33.77 22.75
N ARG B 55 -11.30 33.18 23.87
CA ARG B 55 -11.55 33.97 25.07
C ARG B 55 -10.27 34.35 25.80
N ALA B 56 -9.22 34.70 25.06
CA ALA B 56 -8.00 35.18 25.68
C ALA B 56 -7.27 36.17 24.78
N HIS B 57 -7.65 36.24 23.51
CA HIS B 57 -7.03 37.16 22.56
C HIS B 57 -8.07 37.75 21.61
N PRO B 58 -8.88 38.69 22.09
CA PRO B 58 -9.85 39.34 21.17
C PRO B 58 -9.17 40.20 20.14
N CYS B 59 -7.99 40.75 20.46
CA CYS B 59 -7.23 41.57 19.54
C CYS B 59 -6.78 40.76 18.31
N VAL B 60 -6.66 39.44 18.46
CA VAL B 60 -6.45 38.59 17.31
C VAL B 60 -7.67 38.71 16.40
N SER B 61 -7.43 38.76 15.08
CA SER B 61 -8.53 38.87 14.13
C SER B 61 -9.52 37.72 14.25
N ASP B 62 -9.17 36.66 15.00
CA ASP B 62 -10.11 35.73 15.61
C ASP B 62 -10.76 34.78 14.61
N GLN B 63 -10.86 35.19 13.35
CA GLN B 63 -11.30 34.29 12.28
C GLN B 63 -10.13 33.83 11.44
N GLU B 64 -9.03 34.58 11.46
CA GLU B 64 -7.78 34.20 10.82
C GLU B 64 -7.05 33.13 11.61
N LEU B 65 -7.47 32.87 12.85
CA LEU B 65 -6.94 31.72 13.57
C LEU B 65 -7.18 30.44 12.79
N ASP B 66 -8.32 30.34 12.11
CA ASP B 66 -8.59 29.14 11.34
C ASP B 66 -7.88 29.13 9.99
N GLU B 67 -7.63 30.29 9.37
CA GLU B 67 -6.74 30.26 8.20
C GLU B 67 -5.30 29.94 8.63
N LEU B 68 -4.91 30.37 9.82
CA LEU B 68 -3.61 30.00 10.35
C LEU B 68 -3.51 28.50 10.54
N ILE B 69 -4.53 27.88 11.15
CA ILE B 69 -4.50 26.43 11.28
C ILE B 69 -4.56 25.77 9.91
N GLN B 70 -5.25 26.40 8.94
CA GLN B 70 -5.23 25.91 7.57
C GLN B 70 -3.81 25.85 7.03
N GLN B 71 -3.05 26.93 7.22
CA GLN B 71 -1.68 26.95 6.71
C GLN B 71 -0.78 26.01 7.49
N ILE B 72 -1.09 25.78 8.77
CA ILE B 72 -0.31 24.83 9.56
C ILE B 72 -0.59 23.39 9.10
N VAL B 73 -1.85 23.08 8.78
CA VAL B 73 -2.16 21.74 8.29
C VAL B 73 -1.64 21.56 6.87
N ALA B 74 -1.56 22.63 6.09
CA ALA B 74 -0.88 22.56 4.80
C ALA B 74 0.62 22.38 4.94
N ALA B 75 1.21 22.97 5.99
CA ALA B 75 2.64 22.85 6.22
C ALA B 75 3.04 21.51 6.81
N ILE B 76 2.15 20.86 7.55
CA ILE B 76 2.52 19.58 8.17
C ILE B 76 2.47 18.42 7.18
N ASN B 77 1.75 18.55 6.06
CA ASN B 77 1.76 17.45 5.11
C ASN B 77 3.10 17.37 4.42
N ALA B 78 3.87 18.44 4.48
CA ALA B 78 5.27 18.45 4.10
C ALA B 78 6.07 18.69 5.38
N GLY B 79 6.06 17.67 6.24
CA GLY B 79 6.60 17.64 7.60
C GLY B 79 7.47 18.79 8.08
N ILE B 80 7.15 19.33 9.26
CA ILE B 80 7.77 20.54 9.76
C ILE B 80 7.68 20.55 11.27
N ILE B 81 8.66 21.17 11.91
CA ILE B 81 8.60 21.52 13.34
C ILE B 81 8.49 23.03 13.41
N PRO B 82 7.32 23.60 13.13
CA PRO B 82 7.20 25.06 12.91
C PRO B 82 7.01 25.84 14.19
N LEU B 83 8.09 25.98 14.97
CA LEU B 83 8.07 26.81 16.16
C LEU B 83 9.40 27.56 16.25
N GLY B 84 9.33 28.75 16.84
CA GLY B 84 10.53 29.56 16.99
C GLY B 84 11.62 28.84 17.77
N ALA B 85 11.28 28.31 18.94
CA ALA B 85 12.18 27.43 19.67
C ALA B 85 12.48 26.21 18.80
N SER B 86 13.67 26.22 18.19
CA SER B 86 14.15 25.28 17.17
C SER B 86 13.63 25.62 15.78
N SER B 87 14.39 26.44 15.04
CA SER B 87 14.21 26.60 13.61
C SER B 87 15.18 25.73 12.82
N ASN B 88 15.60 24.60 13.40
CA ASN B 88 16.55 23.69 12.79
C ASN B 88 15.99 22.29 12.81
N GLN B 89 16.09 21.59 11.67
CA GLN B 89 15.47 20.28 11.51
C GLN B 89 16.35 19.43 10.60
N VAL B 90 15.89 18.22 10.32
CA VAL B 90 16.47 17.35 9.30
C VAL B 90 15.42 17.14 8.22
N SER B 91 15.88 16.95 6.98
CA SER B 91 15.03 17.07 5.81
C SER B 91 14.33 15.77 5.46
N HIS B 92 13.19 15.91 4.77
CA HIS B 92 12.45 14.76 4.24
C HIS B 92 13.21 14.02 3.17
N TRP B 93 14.17 14.66 2.50
CA TRP B 93 14.68 14.15 1.24
C TRP B 93 16.20 14.04 1.23
N ASP B 94 16.78 13.69 2.37
CA ASP B 94 18.12 13.14 2.32
C ASP B 94 18.08 11.77 1.64
N LEU B 95 19.24 11.31 1.17
CA LEU B 95 19.28 10.02 0.48
C LEU B 95 18.79 8.88 1.37
N GLY B 96 18.97 8.98 2.68
CA GLY B 96 18.40 7.95 3.54
C GLY B 96 16.89 7.90 3.48
N SER B 97 16.25 9.04 3.74
CA SER B 97 14.79 9.08 3.72
C SER B 97 14.25 8.89 2.31
N SER B 98 15.00 9.33 1.29
CA SER B 98 14.58 9.12 -0.09
C SER B 98 14.74 7.66 -0.50
N PHE B 99 15.75 6.99 0.04
CA PHE B 99 15.91 5.55 -0.13
C PHE B 99 14.76 4.80 0.51
N PHE B 100 14.41 5.19 1.74
CA PHE B 100 13.21 4.67 2.40
C PHE B 100 11.96 4.89 1.56
N PHE B 101 11.80 6.09 1.00
CA PHE B 101 10.63 6.38 0.18
C PHE B 101 10.58 5.47 -1.05
N ALA B 102 11.69 5.37 -1.78
CA ALA B 102 11.74 4.47 -2.93
C ALA B 102 11.36 3.05 -2.53
N GLY B 103 11.81 2.61 -1.34
CA GLY B 103 11.38 1.31 -0.85
C GLY B 103 9.88 1.23 -0.62
N THR B 104 9.30 2.26 -0.01
CA THR B 104 7.86 2.27 0.20
C THR B 104 7.11 2.28 -1.11
N VAL B 105 7.73 2.75 -2.18
CA VAL B 105 7.09 2.71 -3.49
C VAL B 105 7.14 1.30 -4.08
N ILE B 106 8.33 0.72 -4.17
CA ILE B 106 8.43 -0.57 -4.87
C ILE B 106 7.80 -1.69 -4.05
N THR B 107 7.79 -1.59 -2.73
CA THR B 107 7.10 -2.57 -1.90
C THR B 107 5.58 -2.36 -1.90
N THR B 108 5.10 -1.23 -2.42
CA THR B 108 3.69 -0.83 -2.39
C THR B 108 3.16 -0.69 -0.96
N ILE B 109 4.03 -0.66 0.04
CA ILE B 109 3.59 -0.32 1.39
C ILE B 109 3.00 1.08 1.42
N GLY B 110 3.75 2.05 0.89
CA GLY B 110 3.30 3.42 0.75
C GLY B 110 2.85 4.07 2.03
N PHE B 111 3.77 4.25 2.99
CA PHE B 111 3.41 4.86 4.26
C PHE B 111 2.81 6.25 4.07
N GLY B 112 3.37 7.04 3.17
CA GLY B 112 2.83 8.34 2.86
C GLY B 112 3.37 9.49 3.68
N ASN B 113 4.06 9.21 4.79
CA ASN B 113 4.68 10.28 5.58
C ASN B 113 5.57 11.16 4.71
N ILE B 114 6.25 10.56 3.73
CA ILE B 114 6.98 11.28 2.70
C ILE B 114 6.31 10.95 1.37
N SER B 115 6.12 11.97 0.53
CA SER B 115 5.51 11.76 -0.78
C SER B 115 5.93 12.91 -1.68
N PRO B 116 6.02 12.68 -2.99
CA PRO B 116 6.53 13.72 -3.89
C PRO B 116 5.53 14.85 -4.06
N ARG B 117 6.04 16.08 -3.95
CA ARG B 117 5.26 17.29 -4.13
C ARG B 117 5.46 17.92 -5.51
N THR B 118 6.66 17.79 -6.06
CA THR B 118 6.99 18.33 -7.37
C THR B 118 6.28 17.57 -8.49
N GLU B 119 6.03 18.26 -9.61
CA GLU B 119 5.44 17.59 -10.77
C GLU B 119 6.36 16.48 -11.27
N GLY B 120 7.64 16.80 -11.42
CA GLY B 120 8.59 15.79 -11.85
C GLY B 120 8.71 14.66 -10.85
N GLY B 121 8.58 14.97 -9.56
CA GLY B 121 8.59 13.93 -8.56
C GLY B 121 7.45 12.95 -8.75
N LYS B 122 6.27 13.46 -9.11
CA LYS B 122 5.12 12.56 -9.31
C LYS B 122 5.26 11.76 -10.60
N ILE B 123 5.73 12.39 -11.68
CA ILE B 123 5.91 11.65 -12.94
C ILE B 123 6.96 10.55 -12.75
N PHE B 124 8.08 10.90 -12.11
CA PHE B 124 9.10 9.90 -11.84
C PHE B 124 8.58 8.83 -10.89
N CYS B 125 7.73 9.20 -9.94
CA CYS B 125 7.15 8.20 -9.04
C CYS B 125 6.27 7.22 -9.81
N ILE B 126 5.50 7.71 -10.78
CA ILE B 126 4.67 6.83 -11.59
C ILE B 126 5.54 5.83 -12.36
N ILE B 127 6.54 6.35 -13.07
CA ILE B 127 7.44 5.47 -13.83
C ILE B 127 8.13 4.50 -12.87
N TYR B 128 8.59 5.01 -11.73
CA TYR B 128 9.34 4.22 -10.77
C TYR B 128 8.50 3.09 -10.21
N ALA B 129 7.23 3.36 -9.95
CA ALA B 129 6.34 2.31 -9.46
C ALA B 129 6.11 1.26 -10.53
N LEU B 130 5.76 1.70 -11.75
CA LEU B 130 5.43 0.75 -12.80
C LEU B 130 6.61 -0.14 -13.18
N LEU B 131 7.84 0.34 -12.96
CA LEU B 131 8.97 -0.55 -13.22
C LEU B 131 9.43 -1.31 -11.98
N GLY B 132 9.46 -0.68 -10.81
CA GLY B 132 10.02 -1.31 -9.63
C GLY B 132 9.14 -2.35 -8.97
N ILE B 133 7.81 -2.17 -9.03
CA ILE B 133 6.92 -3.14 -8.39
C ILE B 133 7.12 -4.55 -8.94
N PRO B 134 7.15 -4.78 -10.27
CA PRO B 134 7.47 -6.14 -10.75
C PRO B 134 8.88 -6.58 -10.39
N LEU B 135 9.86 -5.69 -10.48
CA LEU B 135 11.23 -6.06 -10.13
C LEU B 135 11.33 -6.51 -8.68
N PHE B 136 10.76 -5.71 -7.77
CA PHE B 136 10.73 -6.13 -6.39
C PHE B 136 9.91 -7.39 -6.20
N GLY B 137 8.91 -7.60 -7.05
CA GLY B 137 8.19 -8.86 -7.01
C GLY B 137 9.08 -10.04 -7.27
N PHE B 138 9.95 -9.93 -8.27
CA PHE B 138 10.93 -10.99 -8.54
C PHE B 138 11.85 -11.21 -7.35
N LEU B 139 12.40 -10.11 -6.80
CA LEU B 139 13.25 -10.23 -5.62
C LEU B 139 12.53 -10.97 -4.49
N LEU B 140 11.29 -10.55 -4.20
CA LEU B 140 10.52 -11.14 -3.13
C LEU B 140 10.22 -12.61 -3.39
N ALA B 141 9.98 -12.97 -4.66
CA ALA B 141 9.75 -14.36 -5.00
C ALA B 141 11.00 -15.19 -4.71
N GLY B 142 12.17 -14.66 -5.03
CA GLY B 142 13.41 -15.38 -4.72
C GLY B 142 13.62 -15.52 -3.23
N VAL B 143 13.39 -14.44 -2.48
CA VAL B 143 13.50 -14.49 -1.03
C VAL B 143 12.56 -15.54 -0.45
N GLY B 144 11.32 -15.57 -0.94
CA GLY B 144 10.36 -16.54 -0.45
C GLY B 144 10.77 -17.96 -0.76
N ASP B 145 11.28 -18.19 -1.97
CA ASP B 145 11.70 -19.55 -2.35
C ASP B 145 12.87 -20.02 -1.48
N GLN B 146 13.85 -19.14 -1.24
CA GLN B 146 14.98 -19.55 -0.41
C GLN B 146 14.54 -19.79 1.03
N LEU B 147 13.67 -18.92 1.56
CA LEU B 147 13.12 -19.14 2.89
C LEU B 147 12.38 -20.47 2.96
N GLY B 148 11.64 -20.80 1.90
CA GLY B 148 10.89 -22.03 1.89
C GLY B 148 11.76 -23.27 1.81
N THR B 149 12.90 -23.17 1.13
CA THR B 149 13.78 -24.33 1.10
C THR B 149 14.51 -24.51 2.44
N ILE B 150 14.93 -23.40 3.06
CA ILE B 150 15.48 -23.49 4.42
C ILE B 150 14.47 -24.12 5.36
N PHE B 151 13.19 -23.73 5.24
CA PHE B 151 12.21 -24.27 6.16
C PHE B 151 11.86 -25.71 5.83
N GLY B 152 11.96 -26.09 4.55
CA GLY B 152 11.76 -27.48 4.19
C GLY B 152 12.83 -28.38 4.77
N LYS B 153 14.09 -27.96 4.68
CA LYS B 153 15.14 -28.74 5.34
C LYS B 153 14.94 -28.76 6.86
N GLY B 154 14.54 -27.62 7.43
CA GLY B 154 14.31 -27.58 8.87
C GLY B 154 13.24 -28.54 9.34
N ILE B 155 12.15 -28.66 8.56
CA ILE B 155 11.09 -29.59 8.92
C ILE B 155 11.42 -31.03 8.54
N ALA B 156 12.39 -31.25 7.65
CA ALA B 156 12.68 -32.61 7.21
C ALA B 156 13.11 -33.50 8.38
N LYS B 157 13.86 -32.96 9.33
CA LYS B 157 14.32 -33.79 10.45
C LYS B 157 13.24 -33.92 11.52
N VAL B 158 12.52 -32.84 11.81
CA VAL B 158 11.40 -32.91 12.75
C VAL B 158 10.24 -33.72 12.19
N GLU B 159 10.30 -34.08 10.91
CA GLU B 159 9.38 -35.03 10.29
C GLU B 159 9.80 -36.48 10.50
N ASP B 160 10.82 -36.73 11.30
CA ASP B 160 11.29 -38.05 11.73
C ASP B 160 11.43 -38.14 13.24
N THR B 161 11.89 -37.07 13.90
CA THR B 161 11.93 -37.04 15.35
C THR B 161 10.59 -37.48 15.93
N PHE B 162 9.50 -37.10 15.28
CA PHE B 162 8.15 -37.42 15.72
C PHE B 162 7.66 -38.80 15.26
N ILE B 163 8.54 -39.74 14.90
CA ILE B 163 8.06 -41.00 14.33
C ILE B 163 8.07 -42.04 15.44
N LYS B 164 7.10 -41.94 16.33
CA LYS B 164 6.96 -42.84 17.47
C LYS B 164 5.97 -43.94 17.13
N TRP B 165 5.23 -44.43 18.13
CA TRP B 165 4.05 -45.22 17.88
C TRP B 165 2.92 -44.35 17.30
N ASN B 166 2.19 -44.91 16.33
CA ASN B 166 1.07 -44.23 15.67
C ASN B 166 1.43 -42.88 15.08
N VAL B 167 1.94 -42.87 13.84
CA VAL B 167 2.37 -41.65 13.16
C VAL B 167 1.81 -41.61 11.75
N SER B 168 1.60 -40.39 11.25
CA SER B 168 0.98 -40.15 9.96
C SER B 168 1.96 -39.59 8.94
N GLN B 169 1.61 -39.73 7.66
CA GLN B 169 2.37 -39.09 6.59
C GLN B 169 1.75 -37.78 6.13
N THR B 170 0.46 -37.78 5.81
CA THR B 170 -0.25 -36.60 5.35
C THR B 170 -0.97 -35.84 6.47
N LYS B 171 -0.80 -36.24 7.73
CA LYS B 171 -1.35 -35.45 8.84
C LYS B 171 -0.27 -34.87 9.74
N ILE B 172 0.99 -35.30 9.62
CA ILE B 172 2.11 -34.55 10.16
C ILE B 172 2.17 -33.17 9.54
N ARG B 173 1.49 -32.98 8.41
CA ARG B 173 1.47 -31.67 7.75
C ARG B 173 0.91 -30.58 8.67
N ILE B 174 0.04 -30.93 9.62
CA ILE B 174 -0.48 -29.88 10.49
C ILE B 174 0.55 -29.47 11.54
N ILE B 175 1.40 -30.37 12.02
CA ILE B 175 2.46 -29.90 12.91
C ILE B 175 3.44 -29.04 12.15
N SER B 176 3.64 -29.31 10.87
CA SER B 176 4.56 -28.48 10.09
C SER B 176 3.96 -27.11 9.82
N THR B 177 2.65 -27.04 9.58
CA THR B 177 2.00 -25.74 9.43
C THR B 177 2.00 -24.99 10.76
N ILE B 178 1.79 -25.69 11.87
CA ILE B 178 1.88 -25.08 13.19
C ILE B 178 3.27 -24.51 13.44
N ILE B 179 4.31 -25.26 13.05
CA ILE B 179 5.67 -24.81 13.28
C ILE B 179 5.99 -23.62 12.39
N PHE B 180 5.53 -23.64 11.14
CA PHE B 180 5.69 -22.48 10.27
C PHE B 180 5.06 -21.25 10.90
N ILE B 181 3.79 -21.36 11.29
CA ILE B 181 3.08 -20.23 11.89
C ILE B 181 3.83 -19.72 13.13
N LEU B 182 4.11 -20.61 14.08
CA LEU B 182 4.68 -20.18 15.35
C LEU B 182 6.09 -19.60 15.17
N PHE B 183 7.00 -20.36 14.56
CA PHE B 183 8.36 -19.88 14.38
C PHE B 183 8.39 -18.59 13.56
N GLY B 184 7.60 -18.51 12.48
CA GLY B 184 7.53 -17.28 11.72
C GLY B 184 7.00 -16.12 12.54
N CYS B 185 5.98 -16.35 13.35
CA CYS B 185 5.44 -15.28 14.17
C CYS B 185 6.37 -14.89 15.31
N VAL B 186 7.30 -15.77 15.68
CA VAL B 186 8.31 -15.38 16.66
C VAL B 186 9.40 -14.54 16.00
N LEU B 187 9.87 -14.96 14.83
CA LEU B 187 11.00 -14.28 14.19
C LEU B 187 10.59 -13.00 13.47
N PHE B 188 9.40 -12.97 12.86
CA PHE B 188 9.04 -11.89 11.95
C PHE B 188 8.08 -10.87 12.53
N VAL B 189 7.40 -11.16 13.65
CA VAL B 189 6.55 -10.14 14.24
C VAL B 189 6.90 -9.92 15.71
N ALA B 190 7.11 -11.00 16.46
CA ALA B 190 7.29 -10.90 17.91
C ALA B 190 8.53 -10.10 18.31
N LEU B 191 9.71 -10.68 18.11
CA LEU B 191 10.93 -9.98 18.52
C LEU B 191 11.17 -8.68 17.76
N PRO B 192 10.83 -8.55 16.46
CA PRO B 192 10.87 -7.21 15.87
C PRO B 192 9.92 -6.25 16.55
N ALA B 193 8.75 -6.72 17.01
CA ALA B 193 7.84 -5.83 17.73
C ALA B 193 8.46 -5.35 19.03
N VAL B 194 9.11 -6.24 19.77
CA VAL B 194 9.72 -5.79 21.02
C VAL B 194 10.88 -4.83 20.75
N ILE B 195 11.64 -5.08 19.69
CA ILE B 195 12.69 -4.14 19.30
C ILE B 195 12.10 -2.78 18.95
N PHE B 196 11.01 -2.78 18.18
CA PHE B 196 10.33 -1.55 17.81
C PHE B 196 9.84 -0.81 19.05
N LYS B 197 9.36 -1.57 20.04
CA LYS B 197 8.89 -0.92 21.26
C LYS B 197 10.04 -0.29 22.04
N HIS B 198 11.17 -0.99 22.14
CA HIS B 198 12.25 -0.44 22.96
C HIS B 198 13.06 0.63 22.25
N ILE B 199 12.97 0.74 20.92
CA ILE B 199 13.73 1.75 20.19
C ILE B 199 12.85 2.91 19.75
N GLU B 200 11.65 2.62 19.23
CA GLU B 200 10.72 3.66 18.84
C GLU B 200 9.95 4.24 20.01
N GLY B 201 9.90 3.53 21.14
CA GLY B 201 9.02 3.91 22.22
C GLY B 201 7.57 3.55 22.01
N TRP B 202 7.25 2.81 20.95
CA TRP B 202 5.87 2.40 20.70
C TRP B 202 5.38 1.45 21.78
N SER B 203 4.06 1.41 21.94
CA SER B 203 3.45 0.40 22.79
C SER B 203 3.67 -0.98 22.17
N ALA B 204 3.39 -2.02 22.97
CA ALA B 204 3.45 -3.39 22.44
C ALA B 204 2.41 -3.56 21.35
N LEU B 205 1.17 -3.14 21.62
CA LEU B 205 0.13 -3.24 20.62
C LEU B 205 0.44 -2.35 19.42
N ASP B 206 1.01 -1.17 19.66
CA ASP B 206 1.37 -0.30 18.54
C ASP B 206 2.47 -0.94 17.69
N ALA B 207 3.41 -1.62 18.33
CA ALA B 207 4.47 -2.30 17.58
C ALA B 207 3.89 -3.41 16.72
N ILE B 208 3.08 -4.28 17.32
CA ILE B 208 2.47 -5.38 16.56
C ILE B 208 1.57 -4.84 15.46
N TYR B 209 0.81 -3.78 15.77
CA TYR B 209 0.00 -3.08 14.79
C TYR B 209 0.84 -2.63 13.60
N PHE B 210 1.96 -1.94 13.89
CA PHE B 210 2.86 -1.52 12.82
C PHE B 210 3.33 -2.70 11.99
N VAL B 211 3.72 -3.79 12.66
CA VAL B 211 4.18 -4.98 11.96
C VAL B 211 3.12 -5.48 10.99
N VAL B 212 1.90 -5.68 11.49
CA VAL B 212 0.84 -6.26 10.68
C VAL B 212 0.49 -5.32 9.52
N ILE B 213 0.43 -4.01 9.80
CA ILE B 213 0.04 -3.05 8.77
C ILE B 213 1.14 -2.92 7.71
N THR B 214 2.40 -3.14 8.10
CA THR B 214 3.50 -2.97 7.15
C THR B 214 3.70 -4.22 6.31
N LEU B 215 3.67 -5.40 6.92
CA LEU B 215 3.94 -6.62 6.17
C LEU B 215 2.76 -7.07 5.32
N THR B 216 1.55 -6.57 5.58
CA THR B 216 0.45 -6.76 4.64
C THR B 216 0.45 -5.73 3.52
N THR B 217 1.40 -4.79 3.53
CA THR B 217 1.52 -3.70 2.55
C THR B 217 0.34 -2.73 2.59
N ILE B 218 -0.46 -2.75 3.66
CA ILE B 218 -1.48 -1.70 3.83
C ILE B 218 -0.79 -0.34 3.99
N GLY B 219 0.04 -0.21 5.01
CA GLY B 219 0.87 0.96 5.20
C GLY B 219 0.12 2.26 5.36
N PHE B 220 -0.67 2.38 6.43
CA PHE B 220 -1.35 3.64 6.72
C PHE B 220 -0.36 4.79 6.79
N GLY B 221 0.76 4.58 7.48
CA GLY B 221 1.70 5.65 7.75
C GLY B 221 1.51 6.30 9.10
N ASP B 222 0.56 5.84 9.92
CA ASP B 222 0.40 6.38 11.26
C ASP B 222 1.54 5.98 12.18
N TYR B 223 2.31 4.96 11.81
CA TYR B 223 3.54 4.59 12.52
C TYR B 223 4.57 4.18 11.49
N VAL B 224 5.78 4.73 11.60
CA VAL B 224 6.87 4.43 10.67
C VAL B 224 8.14 4.15 11.47
N ALA B 225 8.86 3.09 11.09
CA ALA B 225 9.95 2.57 11.89
C ALA B 225 11.17 3.47 11.92
N GLY B 226 11.21 4.52 11.11
CA GLY B 226 12.32 5.45 11.17
C GLY B 226 11.85 6.89 11.19
N GLY B 227 10.58 7.08 11.54
CA GLY B 227 9.96 8.39 11.39
C GLY B 227 10.48 9.41 12.39
N SER B 228 10.44 9.07 13.67
CA SER B 228 10.81 10.02 14.71
C SER B 228 12.27 10.45 14.56
N ASP B 229 12.57 11.66 15.04
CA ASP B 229 13.88 12.28 14.84
C ASP B 229 15.01 11.56 15.56
N ILE B 230 14.72 10.53 16.35
CA ILE B 230 15.63 10.07 17.39
C ILE B 230 16.94 9.52 16.86
N GLU B 231 17.84 9.16 17.79
CA GLU B 231 19.18 8.64 17.56
C GLU B 231 19.27 7.67 16.38
N TYR B 232 18.68 6.49 16.52
CA TYR B 232 18.83 5.39 15.56
C TYR B 232 20.28 4.98 15.38
N LEU B 233 20.63 3.80 15.88
CA LEU B 233 22.01 3.34 15.97
C LEU B 233 22.61 2.95 14.62
N ASP B 234 21.85 3.00 13.52
CA ASP B 234 22.29 2.61 12.18
C ASP B 234 22.57 1.12 12.11
N PHE B 235 22.76 0.47 13.27
CA PHE B 235 22.66 -0.98 13.30
C PHE B 235 21.21 -1.41 13.18
N TYR B 236 20.30 -0.44 12.98
CA TYR B 236 18.87 -0.58 13.14
C TYR B 236 18.12 -0.51 11.82
N LYS B 237 18.27 0.58 11.06
CA LYS B 237 17.54 0.70 9.81
C LYS B 237 17.86 -0.38 8.77
N PRO B 238 19.13 -0.76 8.54
CA PRO B 238 19.37 -1.88 7.60
C PRO B 238 18.77 -3.20 8.06
N VAL B 239 18.82 -3.50 9.36
CA VAL B 239 18.20 -4.76 9.78
C VAL B 239 16.68 -4.66 9.61
N VAL B 240 16.10 -3.46 9.75
CA VAL B 240 14.67 -3.33 9.48
C VAL B 240 14.38 -3.46 7.99
N TRP B 241 15.30 -3.04 7.13
CA TRP B 241 15.21 -3.33 5.71
C TRP B 241 15.12 -4.83 5.46
N PHE B 242 16.07 -5.57 6.03
CA PHE B 242 16.09 -7.03 5.87
C PHE B 242 14.82 -7.66 6.42
N TRP B 243 14.36 -7.18 7.58
CA TRP B 243 13.11 -7.67 8.15
C TRP B 243 11.94 -7.41 7.23
N ILE B 244 11.90 -6.23 6.59
CA ILE B 244 10.82 -5.95 5.67
C ILE B 244 10.83 -6.93 4.52
N LEU B 245 12.02 -7.20 3.96
CA LEU B 245 12.09 -8.12 2.82
C LEU B 245 11.60 -9.53 3.22
N VAL B 246 12.18 -10.09 4.28
CA VAL B 246 11.85 -11.47 4.59
C VAL B 246 10.46 -11.57 5.20
N GLY B 247 10.01 -10.53 5.93
CA GLY B 247 8.68 -10.55 6.50
C GLY B 247 7.59 -10.36 5.48
N LEU B 248 7.85 -9.57 4.43
CA LEU B 248 6.91 -9.52 3.32
C LEU B 248 6.78 -10.89 2.67
N ALA B 249 7.90 -11.59 2.49
CA ALA B 249 7.79 -12.94 1.95
C ALA B 249 6.95 -13.83 2.88
N TYR B 250 7.28 -13.83 4.18
CA TYR B 250 6.57 -14.65 5.14
C TYR B 250 5.07 -14.33 5.18
N PHE B 251 4.73 -13.03 5.17
CA PHE B 251 3.33 -12.64 5.24
C PHE B 251 2.58 -12.96 3.96
N ALA B 252 3.25 -12.90 2.80
CA ALA B 252 2.64 -13.42 1.58
C ALA B 252 2.25 -14.88 1.78
N ALA B 253 3.17 -15.66 2.36
CA ALA B 253 2.86 -17.07 2.61
C ALA B 253 1.67 -17.22 3.56
N VAL B 254 1.68 -16.45 4.66
CA VAL B 254 0.62 -16.54 5.67
C VAL B 254 -0.73 -16.16 5.06
N LEU B 255 -0.76 -15.11 4.25
CA LEU B 255 -2.01 -14.70 3.62
C LEU B 255 -2.52 -15.75 2.66
N SER B 256 -1.62 -16.38 1.89
CA SER B 256 -2.07 -17.46 1.01
C SER B 256 -2.64 -18.63 1.82
N MET B 257 -2.04 -18.92 2.97
CA MET B 257 -2.55 -20.02 3.79
C MET B 257 -3.91 -19.68 4.38
N ILE B 258 -4.10 -18.43 4.81
CA ILE B 258 -5.41 -18.01 5.28
C ILE B 258 -6.44 -18.08 4.16
N GLY B 259 -6.04 -17.74 2.94
CA GLY B 259 -6.94 -17.92 1.80
C GLY B 259 -7.34 -19.37 1.60
N ASP B 260 -6.39 -20.29 1.75
CA ASP B 260 -6.72 -21.72 1.64
C ASP B 260 -7.69 -22.14 2.74
N TRP B 261 -7.43 -21.71 3.97
CA TRP B 261 -8.37 -21.95 5.07
C TRP B 261 -9.77 -21.44 4.71
N LEU B 262 -9.85 -20.24 4.13
CA LEU B 262 -11.15 -19.68 3.76
C LEU B 262 -11.83 -20.52 2.69
N ARG B 263 -11.05 -20.99 1.70
CA ARG B 263 -11.63 -21.81 0.65
C ARG B 263 -12.20 -23.10 1.23
N VAL B 264 -11.48 -23.69 2.17
CA VAL B 264 -11.93 -24.92 2.82
C VAL B 264 -13.20 -24.67 3.62
N ILE B 265 -13.19 -23.62 4.46
CA ILE B 265 -14.36 -23.31 5.26
C ILE B 265 -15.55 -22.97 4.38
N ALA B 266 -15.32 -22.33 3.24
CA ALA B 266 -16.42 -22.00 2.33
C ALA B 266 -17.07 -23.26 1.79
N LYS B 267 -16.26 -24.22 1.35
CA LYS B 267 -16.89 -25.41 0.79
C LYS B 267 -17.50 -26.28 1.89
N LYS B 268 -16.91 -26.31 3.08
CA LYS B 268 -17.53 -27.05 4.17
C LYS B 268 -18.84 -26.43 4.61
N THR B 269 -18.94 -25.09 4.58
CA THR B 269 -20.19 -24.45 4.96
C THR B 269 -21.26 -24.64 3.89
N LYS B 270 -20.89 -24.57 2.61
CA LYS B 270 -21.92 -24.82 1.60
C LYS B 270 -22.41 -26.26 1.64
N GLU B 271 -21.52 -27.23 1.84
CA GLU B 271 -22.01 -28.60 1.94
C GLU B 271 -22.78 -28.81 3.23
N ALA B 272 -22.43 -28.08 4.29
CA ALA B 272 -23.17 -28.18 5.54
C ALA B 272 -24.57 -27.61 5.42
N VAL B 273 -24.73 -26.52 4.69
CA VAL B 273 -26.07 -25.95 4.49
C VAL B 273 -26.88 -26.82 3.52
N GLY B 274 -26.22 -27.38 2.51
CA GLY B 274 -26.87 -28.39 1.70
C GLY B 274 -27.41 -29.52 2.55
N GLU B 275 -26.58 -30.05 3.46
CA GLU B 275 -27.01 -31.11 4.35
C GLU B 275 -28.16 -30.67 5.25
N PHE B 276 -28.08 -29.43 5.76
CA PHE B 276 -29.11 -28.88 6.62
C PHE B 276 -30.47 -28.84 5.93
N ARG B 277 -30.53 -28.20 4.76
CA ARG B 277 -31.79 -28.13 4.03
C ARG B 277 -32.24 -29.50 3.58
N ALA B 278 -31.31 -30.43 3.34
CA ALA B 278 -31.68 -31.79 2.98
C ALA B 278 -32.30 -32.54 4.14
N HIS B 279 -31.95 -32.15 5.37
CA HIS B 279 -32.68 -32.63 6.54
C HIS B 279 -33.92 -31.75 6.68
N ALA B 280 -33.71 -30.58 7.28
CA ALA B 280 -34.72 -29.53 7.41
C ALA B 280 -35.82 -30.00 8.34
N ALA B 281 -35.45 -30.31 9.59
CA ALA B 281 -36.36 -30.89 10.57
C ALA B 281 -36.95 -32.19 10.04
N GLU B 282 -36.24 -33.30 10.27
CA GLU B 282 -36.65 -34.63 9.81
C GLU B 282 -36.83 -34.67 8.30
#